data_4JFM
#
_entry.id   4JFM
#
_cell.length_a   42.155
_cell.length_b   54.497
_cell.length_c   56.418
_cell.angle_alpha   90.000
_cell.angle_beta   90.000
_cell.angle_gamma   90.000
#
_symmetry.space_group_name_H-M   'P 21 21 21'
#
loop_
_entity.id
_entity.type
_entity.pdbx_description
1 polymer 'Peptidyl-prolyl cis-trans isomerase FKBP5'
2 non-polymer '2-(3,4-dimethoxyphenoxy)ethyl (2S)-1-[(2-oxo-2,3-dihydro-1,3-benzothiazol-6-yl)sulfonyl]piperidine-2-carboxylate'
3 water water
#
_entity_poly.entity_id   1
_entity_poly.type   'polypeptide(L)'
_entity_poly.pdbx_seq_one_letter_code
;GAPATVTEQGEDITSKKDRGVLKIVKRVGNGEETPMIGDKVYVHYKGKLSNGKKFDSSHDRNEPFVFSLGKGQVIKAWDI
GVATMKKGEICHLLCKPEYAYGSAGSLPKIPSNATLFFEIELLDFKGE
;
_entity_poly.pdbx_strand_id   A
#
loop_
_chem_comp.id
_chem_comp.type
_chem_comp.name
_chem_comp.formula
1KZ non-polymer '2-(3,4-dimethoxyphenoxy)ethyl (2S)-1-[(2-oxo-2,3-dihydro-1,3-benzothiazol-6-yl)sulfonyl]piperidine-2-carboxylate' 'C23 H26 N2 O8 S2'
#
# COMPACT_ATOMS: atom_id res chain seq x y z
N GLY A 1 9.15 14.58 6.96
CA GLY A 1 7.86 13.98 7.34
C GLY A 1 7.84 12.51 7.07
N ALA A 2 6.71 11.90 7.22
CA ALA A 2 6.60 10.47 7.05
C ALA A 2 7.01 9.99 5.64
N PRO A 3 6.64 10.67 4.56
CA PRO A 3 7.11 10.20 3.23
C PRO A 3 8.62 10.19 3.12
N ALA A 4 9.28 11.23 3.60
CA ALA A 4 10.74 11.27 3.58
C ALA A 4 11.32 10.14 4.40
N THR A 5 10.73 9.85 5.55
CA THR A 5 11.25 8.84 6.43
C THR A 5 11.15 7.44 5.80
N VAL A 6 10.01 7.11 5.16
CA VAL A 6 9.94 5.78 4.52
C VAL A 6 10.86 5.73 3.31
N THR A 7 11.04 6.85 2.60
CA THR A 7 11.97 6.89 1.47
C THR A 7 13.40 6.56 1.93
N GLU A 8 13.81 7.12 3.06
CA GLU A 8 15.18 7.05 3.51
C GLU A 8 15.44 5.86 4.44
N GLN A 9 14.42 5.36 5.11
CA GLN A 9 14.56 4.39 6.18
C GLN A 9 13.70 3.15 6.00
N GLY A 10 12.95 3.04 4.91
CA GLY A 10 12.08 1.91 4.68
C GLY A 10 12.82 0.68 4.18
N GLU A 11 12.14 -0.44 4.33
N GLU A 11 12.13 -0.44 4.32
CA GLU A 11 12.67 -1.71 3.85
CA GLU A 11 12.64 -1.75 3.88
C GLU A 11 12.13 -2.04 2.48
C GLU A 11 12.14 -2.05 2.50
N ASP A 12 13.01 -2.48 1.58
CA ASP A 12 12.62 -2.93 0.27
C ASP A 12 11.93 -4.30 0.38
N ILE A 13 10.67 -4.37 0.03
CA ILE A 13 9.88 -5.59 0.11
C ILE A 13 9.64 -6.23 -1.23
N THR A 14 10.30 -5.74 -2.28
CA THR A 14 10.12 -6.33 -3.60
C THR A 14 10.93 -7.62 -3.77
N SER A 15 10.43 -8.53 -4.58
N SER A 15 10.43 -8.51 -4.59
CA SER A 15 11.18 -9.69 -4.94
CA SER A 15 11.12 -9.71 -5.01
C SER A 15 12.42 -9.36 -5.76
C SER A 15 12.35 -9.43 -5.84
N LYS A 16 12.31 -8.37 -6.61
CA LYS A 16 13.42 -7.97 -7.48
C LYS A 16 14.47 -7.24 -6.73
N LYS A 17 14.20 -6.74 -5.52
CA LYS A 17 15.16 -5.91 -4.82
C LYS A 17 15.56 -4.66 -5.60
N ASP A 18 14.60 -3.97 -6.14
CA ASP A 18 14.79 -2.79 -6.97
C ASP A 18 14.38 -1.54 -6.27
N ARG A 19 14.08 -1.67 -4.98
CA ARG A 19 13.64 -0.58 -4.15
C ARG A 19 12.36 0.12 -4.64
N GLY A 20 11.54 -0.61 -5.33
CA GLY A 20 10.35 -0.02 -5.89
C GLY A 20 9.19 0.12 -4.90
N VAL A 21 9.23 -0.63 -3.83
CA VAL A 21 8.22 -0.60 -2.77
C VAL A 21 8.98 -0.69 -1.48
N LEU A 22 8.86 0.38 -0.68
CA LEU A 22 9.53 0.48 0.62
C LEU A 22 8.47 0.54 1.71
N LYS A 23 8.76 -0.08 2.83
CA LYS A 23 7.78 -0.24 3.90
C LYS A 23 8.39 0.08 5.26
N ILE A 24 7.59 0.71 6.11
CA ILE A 24 7.84 0.80 7.56
C ILE A 24 6.59 0.31 8.28
N VAL A 25 6.78 -0.61 9.23
CA VAL A 25 5.69 -1.03 10.10
C VAL A 25 5.59 0.00 11.20
N LYS A 26 4.42 0.62 11.28
CA LYS A 26 4.11 1.64 12.30
C LYS A 26 3.47 1.03 13.52
N ARG A 27 2.57 0.07 13.37
CA ARG A 27 2.06 -0.70 14.48
C ARG A 27 2.07 -2.14 14.14
N VAL A 28 2.65 -2.97 15.05
CA VAL A 28 2.74 -4.40 14.87
C VAL A 28 1.33 -4.92 15.04
N GLY A 29 0.94 -5.75 14.14
CA GLY A 29 -0.34 -6.45 14.17
C GLY A 29 -0.30 -7.73 14.98
N ASN A 30 -1.28 -8.59 14.74
CA ASN A 30 -1.57 -9.75 15.61
C ASN A 30 -0.99 -11.02 15.06
N GLY A 31 -0.20 -11.70 15.85
CA GLY A 31 0.38 -13.01 15.48
C GLY A 31 1.28 -12.96 14.30
N GLU A 32 1.32 -14.04 13.53
CA GLU A 32 2.27 -14.20 12.49
C GLU A 32 1.62 -14.32 11.15
N GLU A 33 0.29 -14.47 11.06
CA GLU A 33 -0.32 -14.81 9.79
C GLU A 33 -0.56 -13.59 8.95
N THR A 34 -0.20 -13.67 7.67
CA THR A 34 -0.51 -12.69 6.67
C THR A 34 -1.56 -13.25 5.73
N PRO A 35 -2.26 -12.42 4.98
CA PRO A 35 -3.34 -12.94 4.13
C PRO A 35 -2.80 -13.82 3.02
N MET A 36 -3.67 -14.63 2.46
CA MET A 36 -3.31 -15.45 1.30
C MET A 36 -3.92 -14.90 0.06
N ILE A 37 -3.31 -15.28 -1.06
CA ILE A 37 -3.82 -14.96 -2.37
C ILE A 37 -5.28 -15.32 -2.47
N GLY A 38 -6.07 -14.40 -3.00
CA GLY A 38 -7.47 -14.59 -3.14
C GLY A 38 -8.30 -14.23 -1.96
N ASP A 39 -7.68 -13.92 -0.81
CA ASP A 39 -8.45 -13.52 0.34
C ASP A 39 -9.13 -12.17 0.11
N LYS A 40 -10.33 -12.02 0.67
CA LYS A 40 -10.96 -10.73 0.76
C LYS A 40 -10.32 -9.91 1.86
N VAL A 41 -9.65 -8.84 1.54
N VAL A 41 -9.72 -8.81 1.52
CA VAL A 41 -8.96 -8.02 2.52
CA VAL A 41 -8.96 -7.98 2.42
C VAL A 41 -9.69 -6.69 2.66
C VAL A 41 -9.73 -6.68 2.65
N TYR A 42 -9.80 -6.24 3.89
CA TYR A 42 -10.45 -5.00 4.32
C TYR A 42 -9.38 -4.09 4.86
N VAL A 43 -9.23 -2.91 4.29
CA VAL A 43 -8.22 -1.98 4.77
C VAL A 43 -8.82 -0.58 4.93
N HIS A 44 -8.18 0.21 5.75
CA HIS A 44 -8.29 1.67 5.68
C HIS A 44 -6.98 2.23 5.18
N TYR A 45 -7.05 3.30 4.40
CA TYR A 45 -5.82 3.91 3.89
C TYR A 45 -6.00 5.40 3.65
N LYS A 46 -4.87 6.07 3.57
CA LYS A 46 -4.77 7.42 3.05
C LYS A 46 -3.58 7.42 2.09
N GLY A 47 -3.75 8.11 0.96
CA GLY A 47 -2.70 8.26 -0.06
C GLY A 47 -2.32 9.72 -0.27
N LYS A 48 -1.03 9.95 -0.42
CA LYS A 48 -0.46 11.26 -0.75
C LYS A 48 0.45 11.21 -1.93
N LEU A 49 0.44 12.31 -2.70
CA LEU A 49 1.42 12.54 -3.77
C LEU A 49 2.69 13.18 -3.24
N SER A 50 3.69 13.22 -4.10
N SER A 50 3.69 13.22 -4.09
CA SER A 50 4.97 13.78 -3.70
CA SER A 50 4.97 13.79 -3.71
C SER A 50 4.95 15.28 -3.60
C SER A 50 4.95 15.29 -3.60
N ASN A 51 3.87 15.92 -4.02
CA ASN A 51 3.64 17.36 -3.81
C ASN A 51 2.90 17.67 -2.52
N GLY A 52 2.69 16.64 -1.70
CA GLY A 52 2.07 16.78 -0.39
C GLY A 52 0.54 16.65 -0.44
N LYS A 53 -0.06 16.58 -1.61
CA LYS A 53 -1.52 16.46 -1.73
C LYS A 53 -2.03 15.12 -1.23
N LYS A 54 -3.05 15.11 -0.33
CA LYS A 54 -3.75 13.93 0.04
C LYS A 54 -4.67 13.68 -1.10
N PHE A 55 -4.56 12.60 -1.84
CA PHE A 55 -5.39 12.42 -2.99
C PHE A 55 -6.54 11.47 -2.76
N ASP A 56 -6.50 10.63 -1.74
CA ASP A 56 -7.62 9.77 -1.43
C ASP A 56 -7.50 9.24 -0.02
N SER A 57 -8.66 8.91 0.57
CA SER A 57 -8.71 8.35 1.90
C SER A 57 -9.99 7.57 2.09
N SER A 58 -9.88 6.33 2.53
CA SER A 58 -11.08 5.57 2.89
C SER A 58 -11.69 6.06 4.20
N HIS A 59 -10.88 6.60 5.11
CA HIS A 59 -11.39 7.07 6.36
C HIS A 59 -12.44 8.14 6.14
N ASP A 60 -12.21 8.99 5.16
CA ASP A 60 -13.09 10.11 4.88
C ASP A 60 -14.41 9.62 4.25
N ARG A 61 -14.48 8.37 3.79
CA ARG A 61 -15.70 7.77 3.24
C ARG A 61 -16.47 6.98 4.26
N ASN A 62 -15.90 6.77 5.46
CA ASN A 62 -16.57 6.02 6.48
C ASN A 62 -16.86 4.56 6.10
N GLU A 63 -15.98 4.00 5.27
CA GLU A 63 -16.11 2.58 4.90
C GLU A 63 -14.74 2.11 4.42
N PRO A 64 -14.45 0.85 4.68
CA PRO A 64 -13.13 0.33 4.28
C PRO A 64 -13.07 0.09 2.80
N PHE A 65 -11.86 -0.05 2.30
CA PHE A 65 -11.59 -0.47 0.92
C PHE A 65 -11.40 -1.98 0.96
N VAL A 66 -12.07 -2.67 0.05
CA VAL A 66 -12.12 -4.11 0.04
C VAL A 66 -11.66 -4.63 -1.31
N PHE A 67 -10.75 -5.60 -1.31
CA PHE A 67 -10.29 -6.17 -2.57
C PHE A 67 -9.84 -7.60 -2.32
N SER A 68 -9.68 -8.36 -3.42
N SER A 68 -9.64 -8.32 -3.43
CA SER A 68 -9.15 -9.72 -3.35
CA SER A 68 -9.14 -9.69 -3.42
C SER A 68 -7.67 -9.67 -3.60
C SER A 68 -7.64 -9.69 -3.62
N LEU A 69 -6.86 -10.18 -2.66
CA LEU A 69 -5.42 -10.02 -2.68
C LEU A 69 -4.77 -10.82 -3.81
N GLY A 70 -3.80 -10.23 -4.47
CA GLY A 70 -2.94 -10.92 -5.42
C GLY A 70 -3.54 -11.15 -6.77
N LYS A 71 -4.58 -10.40 -7.13
CA LYS A 71 -5.32 -10.55 -8.36
C LYS A 71 -5.18 -9.36 -9.29
N GLY A 72 -4.34 -8.38 -9.00
CA GLY A 72 -4.21 -7.22 -9.86
C GLY A 72 -5.41 -6.31 -9.80
N GLN A 73 -6.22 -6.37 -8.72
CA GLN A 73 -7.33 -5.46 -8.53
C GLN A 73 -6.88 -4.09 -8.02
N VAL A 74 -5.64 -4.05 -7.59
CA VAL A 74 -4.99 -2.87 -7.06
C VAL A 74 -3.62 -2.75 -7.70
N ILE A 75 -2.96 -1.63 -7.49
CA ILE A 75 -1.60 -1.46 -7.99
C ILE A 75 -0.67 -2.52 -7.38
N LYS A 76 0.42 -2.78 -8.12
N LYS A 76 0.40 -2.80 -8.13
CA LYS A 76 1.33 -3.84 -7.76
CA LYS A 76 1.32 -3.85 -7.75
C LYS A 76 1.86 -3.65 -6.36
C LYS A 76 1.85 -3.63 -6.35
N ALA A 77 2.18 -2.41 -5.99
CA ALA A 77 2.74 -2.14 -4.67
C ALA A 77 1.83 -2.57 -3.56
N TRP A 78 0.51 -2.49 -3.78
CA TRP A 78 -0.46 -2.93 -2.77
C TRP A 78 -0.59 -4.42 -2.72
N ASP A 79 -0.59 -5.09 -3.86
CA ASP A 79 -0.61 -6.56 -3.82
C ASP A 79 0.60 -7.04 -3.07
N ILE A 80 1.79 -6.48 -3.30
CA ILE A 80 2.99 -6.85 -2.60
C ILE A 80 2.94 -6.42 -1.13
N GLY A 81 2.56 -5.20 -0.87
CA GLY A 81 2.60 -4.66 0.48
C GLY A 81 1.59 -5.24 1.42
N VAL A 82 0.34 -5.34 1.01
CA VAL A 82 -0.68 -5.86 1.90
C VAL A 82 -0.39 -7.32 2.21
N ALA A 83 0.23 -8.07 1.27
CA ALA A 83 0.59 -9.45 1.50
C ALA A 83 1.60 -9.63 2.64
N THR A 84 2.30 -8.56 3.03
CA THR A 84 3.25 -8.62 4.10
C THR A 84 2.64 -8.29 5.48
N MET A 85 1.39 -7.84 5.52
CA MET A 85 0.79 -7.31 6.73
C MET A 85 0.07 -8.34 7.55
N LYS A 86 0.10 -8.12 8.88
CA LYS A 86 -0.68 -8.89 9.83
C LYS A 86 -1.99 -8.16 10.14
N LYS A 87 -2.99 -8.89 10.62
CA LYS A 87 -4.25 -8.24 11.02
C LYS A 87 -3.95 -7.22 12.11
N GLY A 88 -4.48 -6.03 11.96
CA GLY A 88 -4.27 -4.96 12.90
C GLY A 88 -3.06 -4.12 12.65
N GLU A 89 -2.19 -4.52 11.73
CA GLU A 89 -1.00 -3.76 11.44
C GLU A 89 -1.34 -2.46 10.76
N ILE A 90 -0.55 -1.42 11.04
CA ILE A 90 -0.52 -0.20 10.26
C ILE A 90 0.88 -0.07 9.68
N CYS A 91 0.96 0.21 8.39
CA CYS A 91 2.25 0.45 7.75
C CYS A 91 2.24 1.70 6.89
N HIS A 92 3.43 2.15 6.55
CA HIS A 92 3.65 3.15 5.52
C HIS A 92 4.31 2.45 4.34
N LEU A 93 3.80 2.73 3.15
N LEU A 93 3.90 2.84 3.15
CA LEU A 93 4.37 2.23 1.88
CA LEU A 93 4.25 2.16 1.93
C LEU A 93 4.73 3.40 0.99
C LEU A 93 4.59 3.24 0.87
N LEU A 94 5.87 3.28 0.39
CA LEU A 94 6.36 4.22 -0.62
C LEU A 94 6.44 3.41 -1.92
N CYS A 95 5.73 3.88 -2.94
CA CYS A 95 5.48 3.12 -4.16
C CYS A 95 6.01 3.90 -5.34
N LYS A 96 7.12 3.42 -5.97
CA LYS A 96 7.64 4.07 -7.18
C LYS A 96 6.67 3.78 -8.33
N PRO A 97 6.70 4.62 -9.37
CA PRO A 97 5.64 4.54 -10.40
C PRO A 97 5.57 3.20 -11.09
N GLU A 98 6.66 2.45 -11.17
CA GLU A 98 6.66 1.14 -11.81
C GLU A 98 5.79 0.13 -11.04
N TYR A 99 5.52 0.43 -9.79
CA TYR A 99 4.67 -0.44 -8.94
C TYR A 99 3.34 0.27 -8.65
N ALA A 100 3.05 1.32 -9.41
CA ALA A 100 1.87 2.12 -9.20
C ALA A 100 1.18 2.36 -10.55
N TYR A 101 1.11 3.62 -11.01
CA TYR A 101 0.42 3.95 -12.23
C TYR A 101 1.37 4.36 -13.34
N GLY A 102 2.66 4.25 -13.17
CA GLY A 102 3.60 4.36 -14.26
C GLY A 102 3.51 5.69 -14.96
N SER A 103 3.82 5.67 -16.27
CA SER A 103 3.75 6.85 -17.08
C SER A 103 2.33 7.29 -17.39
N ALA A 104 1.37 6.41 -17.30
CA ALA A 104 -0.02 6.77 -17.61
C ALA A 104 -0.66 7.62 -16.56
N GLY A 105 -0.32 7.41 -15.28
CA GLY A 105 -1.01 8.08 -14.22
C GLY A 105 -2.43 7.55 -14.11
N SER A 106 -3.21 8.26 -13.33
CA SER A 106 -4.61 7.90 -13.16
C SER A 106 -5.38 9.17 -12.92
N LEU A 107 -5.98 9.66 -14.01
CA LEU A 107 -6.58 10.95 -13.99
C LEU A 107 -7.87 10.89 -13.33
N PRO A 108 -8.27 11.91 -12.58
CA PRO A 108 -7.63 13.20 -12.56
C PRO A 108 -6.59 13.45 -11.48
N LYS A 109 -6.48 12.60 -10.49
CA LYS A 109 -5.64 12.90 -9.34
C LYS A 109 -4.15 12.59 -9.47
N ILE A 110 -3.83 11.49 -10.15
CA ILE A 110 -2.46 10.98 -10.12
C ILE A 110 -1.75 11.34 -11.41
N PRO A 111 -0.68 12.09 -11.39
CA PRO A 111 0.05 12.46 -12.62
C PRO A 111 0.94 11.32 -13.12
N SER A 112 1.53 11.53 -14.31
CA SER A 112 2.51 10.61 -14.83
C SER A 112 3.72 10.54 -13.90
N ASN A 113 4.25 9.33 -13.83
CA ASN A 113 5.54 9.12 -13.18
C ASN A 113 5.49 9.49 -11.69
N ALA A 114 4.38 9.18 -11.05
CA ALA A 114 4.14 9.58 -9.66
C ALA A 114 4.59 8.50 -8.66
N THR A 115 5.41 8.91 -7.71
CA THR A 115 5.70 8.12 -6.52
C THR A 115 4.59 8.40 -5.51
N LEU A 116 4.01 7.33 -4.96
CA LEU A 116 2.86 7.42 -4.05
C LEU A 116 3.27 7.00 -2.65
N PHE A 117 2.70 7.69 -1.65
CA PHE A 117 2.83 7.33 -0.25
C PHE A 117 1.49 6.90 0.27
N PHE A 118 1.44 5.78 0.99
CA PHE A 118 0.23 5.34 1.67
C PHE A 118 0.50 5.02 3.10
N GLU A 119 -0.50 5.33 3.96
CA GLU A 119 -0.64 4.72 5.28
C GLU A 119 -1.80 3.74 5.16
N ILE A 120 -1.55 2.48 5.54
CA ILE A 120 -2.52 1.39 5.37
C ILE A 120 -2.68 0.69 6.68
N GLU A 121 -3.93 0.43 7.04
CA GLU A 121 -4.29 -0.37 8.19
C GLU A 121 -5.01 -1.63 7.69
N LEU A 122 -4.50 -2.82 8.01
CA LEU A 122 -5.18 -4.08 7.65
C LEU A 122 -6.19 -4.40 8.70
N LEU A 123 -7.47 -4.27 8.37
CA LEU A 123 -8.53 -4.49 9.33
C LEU A 123 -8.83 -5.95 9.50
N ASP A 124 -8.91 -6.69 8.40
CA ASP A 124 -9.34 -8.07 8.42
C ASP A 124 -9.00 -8.70 7.08
N PHE A 125 -8.91 -10.03 7.09
CA PHE A 125 -8.78 -10.79 5.85
C PHE A 125 -9.52 -12.10 6.02
N LYS A 126 -10.20 -12.53 4.95
CA LYS A 126 -10.94 -13.75 5.03
C LYS A 126 -10.90 -14.45 3.70
N GLY A 127 -10.85 -15.79 3.74
CA GLY A 127 -11.02 -16.61 2.50
C GLY A 127 -12.45 -16.59 2.14
N GLU A 128 -12.72 -16.69 0.82
CA GLU A 128 -14.13 -16.70 0.32
C GLU A 128 -14.70 -18.15 0.35
CAB 1KZ B . -12.41 4.11 -3.87
OAU 1KZ B . -12.42 4.85 -5.09
CBC 1KZ B . -12.01 4.08 -6.16
CAK 1KZ B . -10.93 3.19 -6.01
CBB 1KZ B . -12.67 4.22 -7.40
OAT 1KZ B . -13.70 5.12 -7.53
CAA 1KZ B . -15.00 4.55 -7.21
CAH 1KZ B . -12.24 3.45 -8.49
CAG 1KZ B . -11.18 2.56 -8.33
CAZ 1KZ B . -10.52 2.42 -7.08
OAW 1KZ B . -9.48 1.58 -6.88
CAP 1KZ B . -8.70 1.64 -8.00
CAO 1KZ B . -7.53 0.85 -7.58
OAV 1KZ B . -6.75 1.67 -6.74
C 1KZ B . -5.59 1.24 -6.36
O 1KZ B . -5.04 0.26 -6.80
CA 1KZ B . -4.96 2.04 -5.31
CB 1KZ B . -4.54 1.16 -4.20
CAM 1KZ B . -5.75 0.68 -3.36
CAN 1KZ B . -6.57 1.82 -2.81
CAR 1KZ B . -6.98 2.76 -3.94
N 1KZ B . -5.74 3.12 -4.69
S1 1KZ B . -5.45 4.68 -4.99
OAE 1KZ B . -4.22 4.74 -5.66
OAF 1KZ B . -5.54 5.40 -3.75
CBA 1KZ B . -6.73 5.30 -5.98
CAL 1KZ B . -7.78 5.97 -5.43
CBF 1KZ B . -8.73 6.48 -6.23
SAX 1KZ B . -10.13 7.39 -5.89
CBD 1KZ B . -10.61 7.47 -7.47
OAD 1KZ B . -11.60 8.05 -7.90
NAS 1KZ B . -9.72 6.81 -8.25
CBE 1KZ B . -8.68 6.25 -7.59
CAJ 1KZ B . -7.70 5.53 -8.17
CAI 1KZ B . -6.67 5.04 -7.32
#